data_5TC7
#
_entry.id   5TC7
#
_cell.length_a   123.359
_cell.length_b   123.359
_cell.length_c   44.499
_cell.angle_alpha   90.000
_cell.angle_beta   90.000
_cell.angle_gamma   120.000
#
_symmetry.space_group_name_H-M   'P 3 2 1'
#
loop_
_entity.id
_entity.type
_entity.pdbx_description
1 polymer "S-methyl-5'-thioadenosine phosphorylase"
2 non-polymer 'PHOSPHATE ION'
3 non-polymer 2-(4-AMINO-PYRROLO[2,3-D]PYRIMIDIN-7-YL)-5-METHYLSULFANYLMETHYL-TETRAHYDRO-FURAN-3,4-DIOL
4 non-polymer 'CHLORIDE ION'
5 water water
#
_entity_poly.entity_id   1
_entity_poly.type   'polypeptide(L)'
_entity_poly.pdbx_seq_one_letter_code
;MHHHHHHENLYFQSMASGTTTTAVKIGIIGGTGLDDPEILEGRTEKYVDTPFGKPSDALILGKIKNVDCVLLARHGRQHT
IMPSKVNYQANIWALKEEGCTHVIVTTACGSLREEIQPGDIVIIDQFIDRTTMRPQSFYDGSHSCARGVCHIPMAEPFCP
KTREVLIETAKKLGLRCHSKGTMVTIEGPRFSSRAESFMFRTWGADVINMTTVPEVVLAKEAGICYASIAMATDYDCWKE
HEEAVSVDRVLKTLKENANKAKSLLLTTIPQIGSTEWSETLHNLKNMAQFSVLLPRH
;
_entity_poly.pdbx_strand_id   A
#
# COMPACT_ATOMS: atom_id res chain seq x y z
N ALA A 23 17.18 11.79 8.72
CA ALA A 23 16.57 12.23 7.43
C ALA A 23 15.59 11.17 6.89
N VAL A 24 14.29 11.49 6.90
CA VAL A 24 13.27 10.61 6.34
C VAL A 24 12.75 11.22 5.06
N LYS A 25 12.24 10.34 4.19
CA LYS A 25 11.59 10.77 2.97
C LYS A 25 10.48 9.76 2.73
N ILE A 26 9.26 10.27 2.57
CA ILE A 26 8.06 9.44 2.58
C ILE A 26 7.51 9.30 1.18
N GLY A 27 7.58 8.09 0.62
CA GLY A 27 6.86 7.75 -0.59
C GLY A 27 5.38 7.57 -0.25
N ILE A 28 4.49 8.11 -1.09
CA ILE A 28 3.06 7.93 -0.96
C ILE A 28 2.52 7.31 -2.23
N ILE A 29 1.95 6.13 -2.14
CA ILE A 29 1.31 5.50 -3.29
C ILE A 29 -0.18 5.63 -3.11
N GLY A 30 -0.78 6.42 -3.99
CA GLY A 30 -2.21 6.70 -3.96
C GLY A 30 -3.01 5.69 -4.76
N GLY A 31 -4.04 5.11 -4.12
CA GLY A 31 -4.92 4.15 -4.75
C GLY A 31 -6.15 4.77 -5.41
N THR A 32 -7.13 3.93 -5.68
CA THR A 32 -8.37 4.29 -6.34
C THR A 32 -9.06 5.38 -5.55
N GLY A 33 -9.33 6.51 -6.21
CA GLY A 33 -9.99 7.64 -5.58
C GLY A 33 -9.20 8.38 -4.53
N LEU A 34 -7.93 8.01 -4.30
CA LEU A 34 -7.16 8.43 -3.09
C LEU A 34 -5.70 8.77 -3.44
N ASP A 35 -5.53 9.42 -4.59
CA ASP A 35 -4.22 9.71 -5.20
C ASP A 35 -4.12 11.20 -5.62
N ASP A 36 -4.58 12.08 -4.73
CA ASP A 36 -4.72 13.52 -5.02
C ASP A 36 -3.42 14.28 -4.80
N PRO A 37 -2.75 14.71 -5.89
CA PRO A 37 -1.45 15.43 -5.72
C PRO A 37 -1.47 16.70 -4.86
N GLU A 38 -2.64 17.34 -4.76
CA GLU A 38 -2.83 18.55 -3.92
C GLU A 38 -2.59 18.35 -2.42
N ILE A 39 -2.34 17.13 -1.97
CA ILE A 39 -1.86 16.89 -0.62
C ILE A 39 -0.46 17.45 -0.35
N LEU A 40 0.38 17.56 -1.39
CA LEU A 40 1.74 18.09 -1.25
C LEU A 40 1.87 19.59 -1.60
N GLU A 41 2.72 20.27 -0.84
CA GLU A 41 3.13 21.64 -1.14
C GLU A 41 4.44 21.62 -1.92
N GLY A 42 4.65 22.64 -2.73
CA GLY A 42 5.93 22.77 -3.41
C GLY A 42 6.17 21.65 -4.40
N ARG A 43 5.17 21.33 -5.21
CA ARG A 43 5.14 20.15 -6.06
C ARG A 43 5.93 20.31 -7.35
N THR A 44 6.71 19.28 -7.69
CA THR A 44 7.45 19.17 -8.96
C THR A 44 7.29 17.75 -9.55
N GLU A 45 6.87 17.69 -10.81
CA GLU A 45 6.70 16.44 -11.54
C GLU A 45 8.08 15.94 -11.98
N LYS A 46 8.35 14.64 -11.82
CA LYS A 46 9.58 14.01 -12.29
C LYS A 46 9.30 12.63 -12.87
N TYR A 47 9.41 12.49 -14.19
CA TYR A 47 9.31 11.18 -14.85
C TYR A 47 10.67 10.47 -14.70
N VAL A 48 10.64 9.19 -14.34
CA VAL A 48 11.87 8.42 -14.13
C VAL A 48 11.75 7.10 -14.85
N ASP A 49 12.89 6.42 -15.00
CA ASP A 49 12.91 5.07 -15.50
C ASP A 49 13.59 4.17 -14.49
N THR A 50 13.37 2.86 -14.62
CA THR A 50 13.98 1.88 -13.74
C THR A 50 14.42 0.67 -14.55
N PRO A 51 15.23 -0.21 -13.93
CA PRO A 51 15.56 -1.45 -14.63
C PRO A 51 14.37 -2.38 -14.92
N PHE A 52 13.22 -2.12 -14.30
CA PHE A 52 11.98 -2.90 -14.48
C PHE A 52 10.92 -2.17 -15.30
N GLY A 53 11.32 -1.08 -15.93
CA GLY A 53 10.43 -0.30 -16.77
C GLY A 53 9.98 0.97 -16.07
N LYS A 54 9.00 1.61 -16.69
CA LYS A 54 8.50 2.90 -16.21
C LYS A 54 7.54 2.69 -15.03
N PRO A 55 7.61 3.56 -14.02
CA PRO A 55 6.56 3.57 -13.00
C PRO A 55 5.18 3.91 -13.57
N SER A 56 4.15 3.71 -12.76
CA SER A 56 2.76 3.95 -13.19
C SER A 56 2.54 5.36 -13.73
N ASP A 57 3.25 6.33 -13.16
CA ASP A 57 3.16 7.72 -13.61
C ASP A 57 4.39 8.49 -13.14
N ALA A 58 4.43 9.79 -13.42
CA ALA A 58 5.46 10.65 -12.87
C ALA A 58 5.47 10.60 -11.36
N LEU A 59 6.66 10.70 -10.78
CA LEU A 59 6.82 10.99 -9.37
C LEU A 59 6.44 12.46 -9.14
N ILE A 60 5.72 12.73 -8.05
CA ILE A 60 5.41 14.11 -7.64
C ILE A 60 6.20 14.40 -6.38
N LEU A 61 7.23 15.24 -6.49
CA LEU A 61 8.07 15.61 -5.36
C LEU A 61 7.41 16.79 -4.66
N GLY A 62 7.41 16.80 -3.34
CA GLY A 62 6.80 17.90 -2.58
C GLY A 62 7.03 17.72 -1.11
N LYS A 63 6.33 18.51 -0.31
CA LYS A 63 6.52 18.49 1.14
C LYS A 63 5.18 18.52 1.84
N ILE A 64 5.15 17.90 3.03
CA ILE A 64 4.08 18.08 4.00
C ILE A 64 4.79 18.64 5.24
N LYS A 65 4.45 19.88 5.60
CA LYS A 65 5.24 20.68 6.54
C LYS A 65 6.71 20.64 6.10
N ASN A 66 7.64 20.19 6.94
CA ASN A 66 9.07 20.14 6.58
C ASN A 66 9.51 18.78 6.02
N VAL A 67 8.58 17.85 5.79
CA VAL A 67 8.93 16.48 5.43
C VAL A 67 8.90 16.27 3.93
N ASP A 68 10.02 15.79 3.38
CA ASP A 68 10.10 15.47 1.96
C ASP A 68 9.25 14.25 1.63
N CYS A 69 8.40 14.37 0.61
CA CYS A 69 7.52 13.30 0.16
C CYS A 69 7.65 13.09 -1.34
N VAL A 70 7.29 11.89 -1.78
CA VAL A 70 7.22 11.51 -3.18
C VAL A 70 5.89 10.80 -3.43
N LEU A 71 5.01 11.40 -4.22
CA LEU A 71 3.71 10.83 -4.51
C LEU A 71 3.68 10.14 -5.85
N LEU A 72 3.00 9.00 -5.89
CA LEU A 72 2.89 8.18 -7.08
C LEU A 72 1.49 7.60 -7.15
N ALA A 73 0.79 7.86 -8.24
CA ALA A 73 -0.51 7.27 -8.47
C ALA A 73 -0.36 5.81 -8.90
N ARG A 74 -0.82 4.87 -8.08
CA ARG A 74 -0.72 3.44 -8.43
C ARG A 74 -1.27 3.11 -9.81
N HIS A 75 -2.39 3.71 -10.18
CA HIS A 75 -3.07 3.37 -11.43
C HIS A 75 -2.84 4.39 -12.55
N GLY A 76 -1.87 5.28 -12.36
CA GLY A 76 -1.69 6.45 -13.22
C GLY A 76 -2.75 7.47 -12.82
N ARG A 77 -2.52 8.72 -13.10
CA ARG A 77 -3.42 9.77 -12.61
C ARG A 77 -4.80 9.72 -13.26
N GLN A 78 -4.89 9.11 -14.45
CA GLN A 78 -6.19 8.88 -15.09
C GLN A 78 -6.85 7.51 -14.77
N HIS A 79 -6.28 6.75 -13.82
CA HIS A 79 -6.75 5.37 -13.51
C HIS A 79 -7.00 4.50 -14.74
N THR A 80 -5.91 4.26 -15.46
CA THR A 80 -5.91 3.55 -16.75
C THR A 80 -5.27 2.16 -16.70
N ILE A 81 -4.66 1.78 -15.57
CA ILE A 81 -3.86 0.54 -15.46
C ILE A 81 -4.56 -0.47 -14.51
N MET A 82 -4.81 -1.68 -15.00
CA MET A 82 -5.52 -2.72 -14.23
C MET A 82 -4.58 -3.35 -13.18
N PRO A 83 -5.15 -3.81 -12.05
CA PRO A 83 -4.27 -4.16 -10.93
C PRO A 83 -3.22 -5.25 -11.25
N SER A 84 -3.59 -6.24 -12.07
CA SER A 84 -2.65 -7.29 -12.56
C SER A 84 -1.45 -6.73 -13.34
N LYS A 85 -1.66 -5.62 -14.01
CA LYS A 85 -0.65 -5.05 -14.94
C LYS A 85 0.10 -3.87 -14.32
N VAL A 86 -0.21 -3.48 -13.10
CA VAL A 86 0.57 -2.42 -12.42
C VAL A 86 2.01 -2.86 -12.29
N ASN A 87 2.95 -1.95 -12.59
CA ASN A 87 4.37 -2.25 -12.47
C ASN A 87 4.85 -2.02 -11.04
N TYR A 88 4.54 -2.98 -10.16
CA TYR A 88 4.90 -2.91 -8.77
C TYR A 88 6.42 -2.79 -8.60
N GLN A 89 7.18 -3.55 -9.39
CA GLN A 89 8.63 -3.47 -9.33
C GLN A 89 9.18 -2.09 -9.63
N ALA A 90 8.73 -1.50 -10.73
CA ALA A 90 9.19 -0.16 -11.12
C ALA A 90 8.75 0.88 -10.09
N ASN A 91 7.52 0.75 -9.61
CA ASN A 91 7.04 1.71 -8.60
C ASN A 91 7.88 1.73 -7.33
N ILE A 92 8.18 0.55 -6.78
CA ILE A 92 8.96 0.49 -5.56
C ILE A 92 10.41 0.86 -5.82
N TRP A 93 10.96 0.40 -6.94
CA TRP A 93 12.35 0.73 -7.31
C TRP A 93 12.52 2.24 -7.44
N ALA A 94 11.57 2.87 -8.11
CA ALA A 94 11.61 4.33 -8.32
C ALA A 94 11.60 5.10 -6.98
N LEU A 95 10.70 4.71 -6.08
CA LEU A 95 10.63 5.35 -4.76
C LEU A 95 11.91 5.15 -3.95
N LYS A 96 12.46 3.94 -3.98
CA LYS A 96 13.74 3.65 -3.33
C LYS A 96 14.87 4.52 -3.91
N GLU A 97 14.94 4.59 -5.23
CA GLU A 97 16.03 5.32 -5.92
C GLU A 97 15.96 6.83 -5.64
N GLU A 98 14.75 7.36 -5.48
CA GLU A 98 14.53 8.78 -5.14
C GLU A 98 14.89 9.07 -3.67
N GLY A 99 15.14 8.03 -2.87
CA GLY A 99 15.61 8.17 -1.49
C GLY A 99 14.55 7.95 -0.42
N CYS A 100 13.41 7.34 -0.77
CA CYS A 100 12.37 7.11 0.22
C CYS A 100 12.82 6.08 1.26
N THR A 101 12.65 6.45 2.52
CA THR A 101 12.90 5.58 3.67
C THR A 101 11.62 4.82 4.09
N HIS A 102 10.48 5.46 3.84
CA HIS A 102 9.15 4.98 4.19
C HIS A 102 8.25 5.03 2.96
N VAL A 103 7.30 4.12 2.91
CA VAL A 103 6.22 4.20 1.94
C VAL A 103 4.91 4.02 2.72
N ILE A 104 4.00 4.97 2.58
CA ILE A 104 2.65 4.85 3.11
C ILE A 104 1.71 4.92 1.94
N VAL A 105 0.79 3.97 1.85
CA VAL A 105 -0.10 3.87 0.73
C VAL A 105 -1.55 3.92 1.14
N THR A 106 -2.40 4.21 0.18
CA THR A 106 -3.85 4.08 0.35
C THR A 106 -4.34 2.96 -0.55
N THR A 107 -5.36 2.26 -0.10
CA THR A 107 -6.02 1.27 -0.94
C THR A 107 -7.50 1.20 -0.62
N ALA A 108 -8.31 1.18 -1.67
CA ALA A 108 -9.73 0.89 -1.57
C ALA A 108 -9.93 -0.61 -1.44
N CYS A 109 -10.82 -1.03 -0.55
CA CYS A 109 -11.04 -2.45 -0.32
C CYS A 109 -12.47 -2.79 0.08
N GLY A 110 -12.82 -4.05 -0.09
CA GLY A 110 -14.08 -4.59 0.39
C GLY A 110 -13.93 -5.05 1.81
N SER A 111 -15.01 -4.92 2.59
CA SER A 111 -15.06 -5.44 3.94
C SER A 111 -15.59 -6.85 3.97
N LEU A 112 -14.89 -7.70 4.70
CA LEU A 112 -15.32 -9.07 4.97
C LEU A 112 -15.77 -9.31 6.40
N ARG A 113 -16.05 -8.23 7.14
CA ARG A 113 -16.39 -8.30 8.57
C ARG A 113 -17.48 -7.27 8.84
N GLU A 114 -18.53 -7.68 9.55
CA GLU A 114 -19.66 -6.76 9.84
C GLU A 114 -19.20 -5.44 10.46
N GLU A 115 -18.27 -5.57 11.40
CA GLU A 115 -17.80 -4.43 12.18
C GLU A 115 -16.94 -3.45 11.39
N ILE A 116 -16.40 -3.88 10.24
CA ILE A 116 -15.70 -2.99 9.33
C ILE A 116 -16.72 -2.42 8.34
N GLN A 117 -17.16 -1.20 8.63
CA GLN A 117 -18.18 -0.51 7.85
C GLN A 117 -17.57 0.28 6.70
N PRO A 118 -18.31 0.44 5.59
CA PRO A 118 -17.90 1.32 4.51
C PRO A 118 -17.56 2.71 5.04
N GLY A 119 -16.39 3.23 4.64
CA GLY A 119 -15.83 4.47 5.17
C GLY A 119 -14.83 4.28 6.30
N ASP A 120 -14.80 3.11 6.94
CA ASP A 120 -13.80 2.84 7.97
C ASP A 120 -12.41 2.67 7.35
N ILE A 121 -11.42 3.06 8.13
CA ILE A 121 -10.03 2.85 7.84
C ILE A 121 -9.58 1.58 8.55
N VAL A 122 -8.72 0.80 7.89
CA VAL A 122 -8.15 -0.42 8.49
C VAL A 122 -6.66 -0.33 8.30
N ILE A 123 -5.91 -0.31 9.41
CA ILE A 123 -4.46 -0.27 9.36
C ILE A 123 -3.96 -1.72 9.37
N ILE A 124 -3.96 -2.31 8.18
CA ILE A 124 -3.74 -3.75 8.01
C ILE A 124 -2.35 -4.17 8.48
N ASP A 125 -2.28 -5.38 9.03
CA ASP A 125 -1.04 -5.95 9.50
C ASP A 125 -0.67 -7.30 8.90
N GLN A 126 -1.54 -7.89 8.09
CA GLN A 126 -1.25 -9.16 7.45
C GLN A 126 -1.86 -9.17 6.09
N PHE A 127 -1.44 -10.15 5.28
CA PHE A 127 -2.06 -10.39 3.97
C PHE A 127 -2.17 -11.88 3.71
N ILE A 128 -3.12 -12.23 2.84
CA ILE A 128 -3.18 -13.54 2.21
C ILE A 128 -3.08 -13.30 0.69
N ASP A 129 -2.12 -13.94 0.03
CA ASP A 129 -1.96 -13.80 -1.43
C ASP A 129 -2.95 -14.71 -2.22
N ARG A 130 -3.75 -14.12 -3.09
CA ARG A 130 -4.53 -14.89 -4.07
C ARG A 130 -4.17 -14.45 -5.49
N THR A 131 -3.08 -13.72 -5.65
CA THR A 131 -2.67 -13.28 -6.97
C THR A 131 -1.96 -14.44 -7.67
N THR A 132 -1.90 -14.37 -8.99
CA THR A 132 -1.32 -15.47 -9.75
C THR A 132 -0.30 -15.05 -10.79
N MET A 133 -0.48 -13.88 -11.40
CA MET A 133 0.32 -13.53 -12.55
C MET A 133 1.46 -12.55 -12.25
N ARG A 134 1.83 -12.37 -10.97
CA ARG A 134 2.65 -11.19 -10.62
C ARG A 134 4.06 -11.48 -10.17
N PRO A 135 5.06 -10.82 -10.81
CA PRO A 135 6.40 -10.86 -10.28
C PRO A 135 6.44 -10.31 -8.84
N GLN A 136 7.05 -11.03 -7.92
CA GLN A 136 7.08 -10.59 -6.51
C GLN A 136 8.45 -10.28 -5.95
N SER A 137 9.46 -10.32 -6.80
CA SER A 137 10.83 -10.10 -6.35
C SER A 137 11.60 -9.29 -7.38
N PHE A 138 12.56 -8.49 -6.90
CA PHE A 138 13.52 -7.82 -7.77
C PHE A 138 14.60 -8.81 -8.26
N TYR A 139 14.76 -9.90 -7.54
CA TYR A 139 15.87 -10.84 -7.79
C TYR A 139 15.36 -11.94 -8.72
N ASP A 140 15.07 -11.56 -9.95
CA ASP A 140 14.49 -12.47 -10.95
C ASP A 140 15.55 -13.00 -11.95
N GLY A 141 16.83 -12.78 -11.66
CA GLY A 141 17.93 -13.28 -12.50
C GLY A 141 18.26 -12.43 -13.71
N SER A 142 17.37 -11.50 -14.09
CA SER A 142 17.47 -10.78 -15.35
C SER A 142 18.13 -9.40 -15.25
N HIS A 143 18.55 -9.00 -14.05
CA HIS A 143 19.04 -7.64 -13.80
C HIS A 143 20.27 -7.65 -12.89
N SER A 144 21.36 -7.05 -13.37
CA SER A 144 22.63 -6.90 -12.63
C SER A 144 22.48 -6.14 -11.31
N CYS A 145 21.51 -5.23 -11.29
CA CYS A 145 21.10 -4.42 -10.14
C CYS A 145 20.71 -5.23 -8.89
N ALA A 146 20.13 -6.42 -9.10
CA ALA A 146 19.70 -7.30 -8.01
C ALA A 146 20.16 -8.74 -8.32
N ARG A 147 21.36 -9.10 -7.86
CA ARG A 147 21.96 -10.40 -8.17
C ARG A 147 21.63 -11.45 -7.12
N GLY A 148 21.32 -12.66 -7.58
CA GLY A 148 21.17 -13.82 -6.69
C GLY A 148 19.72 -14.22 -6.50
N VAL A 149 19.46 -15.00 -5.45
CA VAL A 149 18.10 -15.46 -5.11
C VAL A 149 17.75 -14.84 -3.76
N CYS A 150 16.59 -14.18 -3.69
CA CYS A 150 16.19 -13.50 -2.48
C CYS A 150 14.94 -14.16 -1.93
N HIS A 151 15.02 -14.60 -0.67
CA HIS A 151 13.90 -15.19 0.03
C HIS A 151 13.54 -14.27 1.20
N ILE A 152 12.71 -13.27 0.93
CA ILE A 152 12.40 -12.25 1.95
C ILE A 152 11.42 -12.80 3.01
N PRO A 153 11.69 -12.59 4.32
CA PRO A 153 10.73 -12.96 5.33
C PRO A 153 9.49 -12.09 5.33
N MET A 154 8.34 -12.72 5.54
CA MET A 154 7.04 -12.03 5.47
C MET A 154 6.21 -12.18 6.73
N ALA A 155 6.83 -12.62 7.83
CA ALA A 155 6.11 -12.79 9.09
C ALA A 155 5.45 -11.49 9.55
N GLU A 156 6.14 -10.37 9.34
CA GLU A 156 5.70 -9.04 9.74
C GLU A 156 5.81 -8.12 8.52
N PRO A 157 4.83 -8.23 7.61
CA PRO A 157 4.94 -7.51 6.35
C PRO A 157 4.84 -5.98 6.41
N PHE A 158 4.23 -5.41 7.45
CA PHE A 158 3.97 -3.98 7.49
C PHE A 158 4.72 -3.39 8.68
N CYS A 159 5.24 -2.18 8.50
CA CYS A 159 6.06 -1.53 9.52
C CYS A 159 5.28 -1.24 10.83
N PRO A 160 5.65 -1.90 11.92
CA PRO A 160 4.86 -1.68 13.15
C PRO A 160 4.87 -0.23 13.65
N LYS A 161 6.01 0.43 13.60
CA LYS A 161 6.09 1.80 14.13
C LYS A 161 5.23 2.77 13.33
N THR A 162 5.25 2.64 12.00
CA THR A 162 4.41 3.50 11.15
C THR A 162 2.94 3.21 11.42
N ARG A 163 2.60 1.92 11.53
CA ARG A 163 1.23 1.56 11.82
C ARG A 163 0.75 2.17 13.14
N GLU A 164 1.60 2.16 14.15
CA GLU A 164 1.24 2.71 15.48
C GLU A 164 0.91 4.21 15.39
N VAL A 165 1.69 4.93 14.62
CA VAL A 165 1.48 6.36 14.43
C VAL A 165 0.19 6.59 13.65
N LEU A 166 -0.03 5.83 12.57
CA LEU A 166 -1.33 5.91 11.87
C LEU A 166 -2.52 5.67 12.77
N ILE A 167 -2.43 4.66 13.63
CA ILE A 167 -3.52 4.30 14.53
C ILE A 167 -3.78 5.44 15.54
N GLU A 168 -2.71 5.94 16.14
CA GLU A 168 -2.82 7.00 17.14
C GLU A 168 -3.36 8.29 16.49
N THR A 169 -2.93 8.56 15.26
CA THR A 169 -3.34 9.75 14.55
C THR A 169 -4.81 9.69 14.14
N ALA A 170 -5.27 8.51 13.68
CA ALA A 170 -6.68 8.30 13.37
C ALA A 170 -7.54 8.58 14.60
N LYS A 171 -7.06 8.16 15.78
CA LYS A 171 -7.76 8.41 17.05
C LYS A 171 -7.82 9.89 17.36
N LYS A 172 -6.69 10.58 17.25
CA LYS A 172 -6.62 12.04 17.44
C LYS A 172 -7.54 12.80 16.51
N LEU A 173 -7.77 12.26 15.31
CA LEU A 173 -8.73 12.82 14.34
C LEU A 173 -10.20 12.40 14.52
N GLY A 174 -10.48 11.51 15.48
CA GLY A 174 -11.83 11.01 15.68
C GLY A 174 -12.41 10.12 14.62
N LEU A 175 -11.55 9.46 13.86
CA LEU A 175 -11.97 8.65 12.72
C LEU A 175 -12.20 7.20 13.14
N ARG A 176 -13.22 6.58 12.58
CA ARG A 176 -13.46 5.15 12.76
C ARG A 176 -12.28 4.40 12.11
N CYS A 177 -11.52 3.66 12.92
CA CYS A 177 -10.29 3.04 12.48
C CYS A 177 -10.11 1.70 13.15
N HIS A 178 -9.66 0.71 12.40
CA HIS A 178 -9.36 -0.63 12.92
C HIS A 178 -7.84 -0.82 13.04
N SER A 179 -7.39 -1.26 14.21
CA SER A 179 -5.97 -1.32 14.53
C SER A 179 -5.23 -2.54 13.97
N LYS A 180 -5.95 -3.48 13.35
CA LYS A 180 -5.31 -4.58 12.63
C LYS A 180 -6.27 -5.10 11.57
N GLY A 181 -5.76 -5.98 10.75
CA GLY A 181 -6.60 -6.60 9.73
C GLY A 181 -5.78 -7.34 8.70
N THR A 182 -6.37 -8.43 8.20
CA THR A 182 -5.74 -9.25 7.17
C THR A 182 -6.36 -8.97 5.81
N MET A 183 -5.53 -8.50 4.88
CA MET A 183 -5.97 -8.20 3.51
C MET A 183 -5.74 -9.41 2.62
N VAL A 184 -6.80 -9.88 1.98
CA VAL A 184 -6.65 -10.87 0.90
C VAL A 184 -6.56 -10.09 -0.41
N THR A 185 -5.50 -10.35 -1.18
CA THR A 185 -5.31 -9.69 -2.47
C THR A 185 -5.61 -10.71 -3.56
N ILE A 186 -6.67 -10.43 -4.31
CA ILE A 186 -7.09 -11.26 -5.45
C ILE A 186 -6.46 -10.75 -6.74
N GLU A 187 -6.36 -11.61 -7.74
CA GLU A 187 -5.74 -11.21 -9.00
C GLU A 187 -6.59 -10.15 -9.71
N GLY A 188 -7.91 -10.33 -9.69
CA GLY A 188 -8.81 -9.48 -10.48
C GLY A 188 -8.61 -9.72 -11.98
N PRO A 189 -9.10 -8.82 -12.81
CA PRO A 189 -9.80 -7.59 -12.38
C PRO A 189 -11.26 -7.81 -11.95
N ARG A 190 -11.80 -9.02 -12.18
CA ARG A 190 -13.12 -9.35 -11.67
C ARG A 190 -13.17 -9.25 -10.16
N PHE A 191 -14.34 -8.93 -9.62
CA PHE A 191 -14.61 -9.14 -8.22
C PHE A 191 -14.79 -10.64 -7.91
N SER A 192 -14.81 -10.94 -6.63
CA SER A 192 -14.95 -12.33 -6.17
C SER A 192 -16.37 -12.85 -6.36
N SER A 193 -16.49 -14.16 -6.52
CA SER A 193 -17.77 -14.82 -6.38
C SER A 193 -18.23 -14.84 -4.91
N ARG A 194 -19.50 -15.13 -4.68
CA ARG A 194 -19.96 -15.25 -3.29
C ARG A 194 -19.29 -16.43 -2.57
N ALA A 195 -19.09 -17.56 -3.26
CA ALA A 195 -18.40 -18.71 -2.67
C ALA A 195 -16.96 -18.36 -2.25
N GLU A 196 -16.30 -17.55 -3.08
CA GLU A 196 -14.95 -17.07 -2.75
C GLU A 196 -14.97 -16.14 -1.55
N SER A 197 -15.89 -15.18 -1.56
CA SER A 197 -16.02 -14.22 -0.43
C SER A 197 -16.22 -14.97 0.90
N PHE A 198 -17.11 -15.96 0.90
CA PHE A 198 -17.37 -16.80 2.09
C PHE A 198 -16.12 -17.53 2.52
N MET A 199 -15.43 -18.09 1.54
CA MET A 199 -14.24 -18.85 1.79
C MET A 199 -13.13 -17.97 2.40
N PHE A 200 -12.93 -16.78 1.85
CA PHE A 200 -11.90 -15.88 2.42
C PHE A 200 -12.15 -15.54 3.89
N ARG A 201 -13.42 -15.42 4.27
CA ARG A 201 -13.79 -15.19 5.66
C ARG A 201 -13.35 -16.36 6.53
N THR A 202 -13.60 -17.59 6.07
CA THR A 202 -13.17 -18.76 6.86
C THR A 202 -11.65 -18.85 6.99
N TRP A 203 -10.90 -18.33 6.01
CA TRP A 203 -9.44 -18.31 6.08
C TRP A 203 -8.88 -17.25 7.03
N GLY A 204 -9.72 -16.31 7.45
CA GLY A 204 -9.31 -15.27 8.39
C GLY A 204 -9.01 -13.93 7.73
N ALA A 205 -9.45 -13.73 6.49
CA ALA A 205 -9.30 -12.44 5.84
C ALA A 205 -10.38 -11.48 6.37
N ASP A 206 -10.00 -10.22 6.53
CA ASP A 206 -10.90 -9.17 7.03
C ASP A 206 -11.31 -8.16 5.95
N VAL A 207 -10.44 -7.94 4.98
CA VAL A 207 -10.68 -6.97 3.90
C VAL A 207 -10.07 -7.57 2.62
N ILE A 208 -10.49 -7.06 1.47
CA ILE A 208 -10.19 -7.64 0.17
C ILE A 208 -9.88 -6.57 -0.84
N ASN A 209 -8.76 -6.74 -1.56
CA ASN A 209 -8.38 -5.81 -2.64
C ASN A 209 -7.66 -6.51 -3.77
N MET A 210 -7.11 -5.74 -4.70
CA MET A 210 -6.38 -6.32 -5.81
C MET A 210 -4.95 -5.83 -5.91
N THR A 211 -4.45 -5.08 -4.91
CA THR A 211 -3.17 -4.38 -5.03
C THR A 211 -2.12 -4.49 -3.93
N THR A 212 -2.46 -5.01 -2.73
CA THR A 212 -1.48 -5.08 -1.65
C THR A 212 -0.27 -5.97 -1.98
N VAL A 213 -0.55 -7.14 -2.55
CA VAL A 213 0.50 -8.07 -3.00
C VAL A 213 0.68 -7.83 -4.51
N PRO A 214 1.89 -7.60 -5.01
CA PRO A 214 3.17 -7.75 -4.31
C PRO A 214 3.83 -6.45 -3.86
N GLU A 215 3.06 -5.36 -3.81
CA GLU A 215 3.60 -4.07 -3.40
C GLU A 215 4.33 -4.16 -2.05
N VAL A 216 3.67 -4.77 -1.07
CA VAL A 216 4.24 -4.96 0.27
C VAL A 216 5.53 -5.80 0.28
N VAL A 217 5.57 -6.80 -0.60
CA VAL A 217 6.69 -7.75 -0.67
C VAL A 217 7.95 -7.06 -1.21
N LEU A 218 7.77 -6.33 -2.30
CA LEU A 218 8.84 -5.58 -2.93
C LEU A 218 9.37 -4.47 -2.04
N ALA A 219 8.48 -3.78 -1.32
CA ALA A 219 8.93 -2.80 -0.34
C ALA A 219 9.85 -3.41 0.69
N LYS A 220 9.50 -4.60 1.18
CA LYS A 220 10.36 -5.32 2.13
C LYS A 220 11.73 -5.68 1.53
N GLU A 221 11.75 -6.22 0.33
CA GLU A 221 13.03 -6.47 -0.37
C GLU A 221 13.89 -5.21 -0.51
N ALA A 222 13.24 -4.05 -0.73
CA ALA A 222 13.95 -2.76 -0.79
C ALA A 222 14.37 -2.14 0.55
N GLY A 223 14.10 -2.81 1.67
CA GLY A 223 14.40 -2.29 2.99
C GLY A 223 13.63 -1.04 3.37
N ILE A 224 12.43 -0.89 2.82
CA ILE A 224 11.58 0.28 3.04
C ILE A 224 10.55 -0.05 4.13
N CYS A 225 10.33 0.88 5.07
CA CYS A 225 9.22 0.83 6.05
CA CYS A 225 9.25 0.71 6.06
C CYS A 225 7.91 1.06 5.33
N TYR A 226 7.08 0.04 5.19
CA TYR A 226 5.85 0.11 4.39
C TYR A 226 4.62 -0.01 5.28
N ALA A 227 3.63 0.85 5.06
CA ALA A 227 2.34 0.74 5.75
C ALA A 227 1.20 1.12 4.81
N SER A 228 0.01 0.62 5.10
CA SER A 228 -1.15 0.75 4.24
C SER A 228 -2.36 1.25 5.00
N ILE A 229 -2.96 2.30 4.45
CA ILE A 229 -4.25 2.84 4.87
C ILE A 229 -5.28 2.22 3.94
N ALA A 230 -5.98 1.20 4.43
CA ALA A 230 -7.05 0.57 3.68
C ALA A 230 -8.38 1.25 4.04
N MET A 231 -9.11 1.67 3.01
CA MET A 231 -10.44 2.25 3.20
CA MET A 231 -10.43 2.28 3.17
C MET A 231 -11.49 1.30 2.69
N ALA A 232 -12.34 0.83 3.62
CA ALA A 232 -13.45 -0.05 3.25
C ALA A 232 -14.49 0.72 2.42
N THR A 233 -14.89 0.18 1.27
CA THR A 233 -15.84 0.85 0.37
C THR A 233 -17.17 0.14 0.16
N ASP A 234 -17.31 -1.08 0.71
CA ASP A 234 -18.41 -2.00 0.41
C ASP A 234 -18.22 -3.24 1.28
N TYR A 235 -19.20 -4.13 1.29
CA TYR A 235 -19.11 -5.42 1.99
C TYR A 235 -18.88 -6.61 1.02
N ASP A 236 -18.15 -6.39 -0.06
CA ASP A 236 -17.94 -7.43 -1.08
C ASP A 236 -19.30 -8.05 -1.50
N CYS A 237 -19.49 -9.37 -1.41
CA CYS A 237 -20.82 -9.95 -1.70
C CYS A 237 -21.23 -11.08 -0.76
N TRP A 238 -20.60 -11.19 0.40
CA TRP A 238 -20.89 -12.25 1.37
C TRP A 238 -22.23 -12.07 2.09
N LYS A 239 -22.84 -10.89 1.99
CA LYS A 239 -24.24 -10.75 2.39
C LYS A 239 -25.14 -10.95 1.16
N GLU A 240 -25.66 -12.17 1.02
CA GLU A 240 -26.55 -12.55 -0.10
C GLU A 240 -27.79 -11.66 -0.16
N HIS A 241 -28.47 -11.53 0.99
CA HIS A 241 -29.56 -10.57 1.21
C HIS A 241 -29.27 -9.09 0.84
N GLU A 242 -28.04 -8.63 1.03
CA GLU A 242 -27.64 -7.21 0.79
C GLU A 242 -27.14 -7.00 -0.65
N GLU A 243 -26.98 -5.73 -1.06
CA GLU A 243 -26.51 -5.39 -2.42
C GLU A 243 -24.99 -5.61 -2.58
N ALA A 244 -24.61 -6.26 -3.68
CA ALA A 244 -23.21 -6.63 -3.92
C ALA A 244 -22.38 -5.45 -4.41
N VAL A 245 -21.07 -5.53 -4.19
CA VAL A 245 -20.10 -4.56 -4.70
C VAL A 245 -20.20 -4.35 -6.23
N SER A 246 -19.91 -3.13 -6.67
CA SER A 246 -19.77 -2.75 -8.08
C SER A 246 -18.80 -1.58 -8.16
N VAL A 247 -18.30 -1.27 -9.35
CA VAL A 247 -17.41 -0.10 -9.49
C VAL A 247 -18.10 1.18 -9.00
N ASP A 248 -19.35 1.41 -9.38
CA ASP A 248 -20.04 2.65 -8.99
C ASP A 248 -20.18 2.79 -7.47
N ARG A 249 -20.47 1.67 -6.80
CA ARG A 249 -20.60 1.66 -5.34
C ARG A 249 -19.26 2.02 -4.66
N VAL A 250 -18.17 1.45 -5.18
CA VAL A 250 -16.83 1.70 -4.65
C VAL A 250 -16.46 3.19 -4.79
N LEU A 251 -16.62 3.72 -5.99
CA LEU A 251 -16.24 5.11 -6.28
C LEU A 251 -17.07 6.12 -5.49
N LYS A 252 -18.33 5.79 -5.27
CA LYS A 252 -19.23 6.62 -4.45
C LYS A 252 -18.73 6.74 -3.01
N THR A 253 -18.46 5.60 -2.39
CA THR A 253 -17.92 5.59 -1.02
C THR A 253 -16.59 6.37 -0.92
N LEU A 254 -15.72 6.21 -1.91
CA LEU A 254 -14.44 6.92 -1.91
C LEU A 254 -14.62 8.42 -2.05
N LYS A 255 -15.52 8.84 -2.92
CA LYS A 255 -15.79 10.29 -3.05
C LYS A 255 -16.25 10.87 -1.70
N GLU A 256 -17.13 10.15 -1.02
CA GLU A 256 -17.65 10.59 0.29
C GLU A 256 -16.60 10.60 1.41
N ASN A 257 -15.61 9.72 1.35
CA ASN A 257 -14.67 9.51 2.47
C ASN A 257 -13.20 9.82 2.22
N ALA A 258 -12.82 10.15 0.98
CA ALA A 258 -11.41 10.42 0.63
C ALA A 258 -10.75 11.44 1.52
N ASN A 259 -11.49 12.45 1.93
CA ASN A 259 -10.96 13.46 2.83
C ASN A 259 -10.35 12.88 4.11
N LYS A 260 -10.88 11.73 4.57
CA LYS A 260 -10.39 11.10 5.79
C LYS A 260 -8.95 10.60 5.60
N ALA A 261 -8.70 9.90 4.50
CA ALA A 261 -7.33 9.43 4.19
C ALA A 261 -6.35 10.57 3.98
N LYS A 262 -6.82 11.64 3.32
CA LYS A 262 -6.03 12.83 3.11
C LYS A 262 -5.62 13.46 4.45
N SER A 263 -6.60 13.69 5.34
CA SER A 263 -6.30 14.22 6.66
C SER A 263 -5.39 13.31 7.48
N LEU A 264 -5.63 12.01 7.41
CA LEU A 264 -4.75 11.06 8.11
C LEU A 264 -3.29 11.13 7.63
N LEU A 265 -3.08 11.12 6.32
CA LEU A 265 -1.72 11.31 5.78
C LEU A 265 -1.08 12.64 6.19
N LEU A 266 -1.85 13.73 6.03
CA LEU A 266 -1.35 15.07 6.36
C LEU A 266 -0.92 15.22 7.81
N THR A 267 -1.67 14.59 8.72
CA THR A 267 -1.39 14.67 10.15
C THR A 267 -0.33 13.65 10.58
N THR A 268 -0.30 12.48 9.92
CA THR A 268 0.68 11.44 10.28
C THR A 268 2.12 11.76 9.88
N ILE A 269 2.29 12.26 8.66
CA ILE A 269 3.62 12.37 8.09
C ILE A 269 4.56 13.27 8.91
N PRO A 270 4.09 14.46 9.38
CA PRO A 270 4.95 15.26 10.25
C PRO A 270 5.41 14.55 11.54
N GLN A 271 4.57 13.67 12.08
CA GLN A 271 4.97 12.90 13.27
C GLN A 271 6.07 11.89 12.95
N ILE A 272 5.95 11.28 11.78
CA ILE A 272 6.99 10.34 11.27
C ILE A 272 8.31 11.10 11.19
N GLY A 273 8.26 12.32 10.64
CA GLY A 273 9.42 13.17 10.46
C GLY A 273 10.19 13.52 11.72
N SER A 274 9.51 13.56 12.86
CA SER A 274 10.14 13.88 14.16
C SER A 274 10.45 12.66 15.08
N THR A 275 10.10 11.45 14.64
CA THR A 275 10.46 10.20 15.33
C THR A 275 11.88 9.80 14.91
N GLU A 276 12.56 9.02 15.74
CA GLU A 276 13.88 8.43 15.40
C GLU A 276 13.71 7.10 14.67
N TRP A 277 14.41 6.92 13.55
CA TRP A 277 14.23 5.76 12.64
C TRP A 277 15.49 4.95 12.27
N SER A 278 16.68 5.37 12.72
CA SER A 278 17.92 4.75 12.21
C SER A 278 18.01 3.24 12.51
N GLU A 279 17.63 2.81 13.73
CA GLU A 279 17.73 1.38 14.10
C GLU A 279 16.66 0.53 13.39
N THR A 280 15.42 1.03 13.35
CA THR A 280 14.35 0.41 12.53
C THR A 280 14.79 0.21 11.07
N LEU A 281 15.34 1.26 10.46
CA LEU A 281 15.77 1.17 9.06
C LEU A 281 17.01 0.27 8.90
N HIS A 282 17.91 0.32 9.87
CA HIS A 282 19.07 -0.59 9.89
C HIS A 282 18.63 -2.07 9.91
N ASN A 283 17.65 -2.38 10.75
CA ASN A 283 17.16 -3.76 10.87
C ASN A 283 16.47 -4.24 9.59
N LEU A 284 15.70 -3.37 8.94
CA LEU A 284 15.14 -3.69 7.61
C LEU A 284 16.21 -3.88 6.54
N LYS A 285 17.22 -3.01 6.56
CA LYS A 285 18.32 -3.15 5.63
C LYS A 285 19.03 -4.51 5.81
N ASN A 286 19.30 -4.87 7.06
CA ASN A 286 19.93 -6.16 7.38
C ASN A 286 19.06 -7.36 6.96
N MET A 287 17.78 -7.32 7.31
CA MET A 287 16.85 -8.38 6.91
C MET A 287 16.83 -8.59 5.40
N ALA A 288 16.78 -7.49 4.65
CA ALA A 288 16.82 -7.53 3.17
C ALA A 288 18.14 -8.09 2.63
N GLN A 289 19.24 -7.58 3.18
CA GLN A 289 20.57 -8.01 2.75
C GLN A 289 20.83 -9.50 3.00
N PHE A 290 20.49 -9.98 4.18
CA PHE A 290 20.77 -11.39 4.54
C PHE A 290 19.77 -12.38 3.93
N SER A 291 18.71 -11.87 3.29
CA SER A 291 17.74 -12.72 2.59
CA SER A 291 17.74 -12.72 2.57
C SER A 291 18.26 -13.17 1.21
N VAL A 292 19.40 -12.61 0.77
CA VAL A 292 19.91 -12.88 -0.57
C VAL A 292 20.98 -13.99 -0.51
N LEU A 293 20.76 -15.04 -1.30
CA LEU A 293 21.76 -16.09 -1.54
C LEU A 293 22.61 -15.70 -2.75
N LEU A 294 23.92 -15.63 -2.56
CA LEU A 294 24.86 -15.34 -3.66
C LEU A 294 25.57 -16.63 -4.11
N PRO A 295 26.05 -16.70 -5.38
CA PRO A 295 26.70 -17.92 -5.92
C PRO A 295 27.85 -18.49 -5.08
#